data_4OFK
#
_entry.id   4OFK
#
_cell.length_a   61.812
_cell.length_b   54.131
_cell.length_c   63.623
_cell.angle_alpha   90.00
_cell.angle_beta   104.61
_cell.angle_gamma   90.00
#
_symmetry.space_group_name_H-M   'C 1 2 1'
#
loop_
_entity.id
_entity.type
_entity.pdbx_description
1 polymer 'Protein SYG-2'
2 non-polymer 2-acetamido-2-deoxy-beta-D-glucopyranose
3 non-polymer 'CHLORIDE ION'
4 non-polymer 1,2-ETHANEDIOL
5 non-polymer 'SULFATE ION'
6 water water
#
_entity_poly.entity_id   1
_entity_poly.type   'polypeptide(L)'
_entity_poly.pdbx_seq_one_letter_code
;GPGSVNYPPASVELFGESNIRYGSSANIQCKSLPSNPASQITWIINGRSVPTPTQREFVVENGIVSSSNVSVHSNELSVE
AHQINVECMATNPEGSSAKQHVIKIIAP
;
_entity_poly.pdbx_strand_id   A,B
#
# COMPACT_ATOMS: atom_id res chain seq x y z
N VAL A 5 7.88 15.23 -11.57
CA VAL A 5 9.28 14.79 -11.49
C VAL A 5 9.43 13.62 -10.52
N ASN A 6 8.79 13.72 -9.36
CA ASN A 6 8.81 12.62 -8.39
C ASN A 6 7.41 12.01 -8.27
N TYR A 7 7.36 10.69 -8.20
CA TYR A 7 6.08 9.98 -8.18
C TYR A 7 6.30 8.57 -7.67
N PRO A 8 5.27 8.00 -7.06
CA PRO A 8 5.36 6.64 -6.53
C PRO A 8 5.16 5.62 -7.64
N PRO A 9 5.56 4.37 -7.42
CA PRO A 9 5.31 3.31 -8.41
C PRO A 9 3.81 3.10 -8.56
N ALA A 10 3.31 3.08 -9.79
CA ALA A 10 1.86 3.04 -10.03
C ALA A 10 1.25 1.71 -9.59
N SER A 11 2.06 0.65 -9.62
CA SER A 11 1.65 -0.65 -9.14
C SER A 11 2.90 -1.51 -9.08
N VAL A 12 2.71 -2.81 -8.91
CA VAL A 12 3.82 -3.74 -9.01
C VAL A 12 3.40 -4.86 -9.93
N GLU A 13 4.38 -5.57 -10.49
CA GLU A 13 4.12 -6.75 -11.26
C GLU A 13 4.54 -7.93 -10.41
N LEU A 14 3.63 -8.89 -10.26
CA LEU A 14 3.88 -10.00 -9.37
C LEU A 14 3.68 -11.30 -10.14
N PHE A 15 4.75 -12.07 -10.31
CA PHE A 15 4.70 -13.32 -11.06
C PHE A 15 5.15 -14.49 -10.20
N GLY A 16 4.61 -15.68 -10.48
CA GLY A 16 5.09 -16.87 -9.81
C GLY A 16 4.13 -18.03 -9.84
N GLU A 17 4.59 -19.17 -9.34
CA GLU A 17 3.77 -20.37 -9.30
C GLU A 17 2.56 -20.12 -8.40
N SER A 18 1.40 -20.60 -8.83
CA SER A 18 0.16 -20.37 -8.10
C SER A 18 -0.26 -21.63 -7.36
N ASN A 19 0.33 -22.75 -7.73
CA ASN A 19 0.10 -24.04 -7.09
C ASN A 19 1.40 -24.79 -6.91
N ILE A 20 1.69 -25.20 -5.68
CA ILE A 20 2.89 -26.00 -5.42
C ILE A 20 2.56 -27.15 -4.47
N ARG A 21 3.39 -28.18 -4.49
CA ARG A 21 3.24 -29.28 -3.54
C ARG A 21 3.82 -28.88 -2.19
N TYR A 22 3.14 -29.30 -1.12
CA TYR A 22 3.60 -29.06 0.24
C TYR A 22 5.01 -29.58 0.45
N GLY A 23 5.89 -28.73 0.97
CA GLY A 23 7.29 -29.09 1.15
C GLY A 23 8.19 -28.44 0.13
N SER A 24 7.61 -27.98 -0.98
CA SER A 24 8.39 -27.32 -2.02
CA SER A 24 8.37 -27.31 -2.03
C SER A 24 8.28 -25.80 -1.91
N SER A 25 9.02 -25.10 -2.75
CA SER A 25 9.01 -23.65 -2.74
C SER A 25 8.47 -23.08 -4.06
N ALA A 26 7.84 -21.93 -3.98
CA ALA A 26 7.42 -21.23 -5.19
C ALA A 26 8.40 -20.11 -5.50
N ASN A 27 8.78 -19.98 -6.76
CA ASN A 27 9.61 -18.88 -7.23
C ASN A 27 8.73 -17.66 -7.49
N ILE A 28 8.89 -16.62 -6.68
CA ILE A 28 8.07 -15.42 -6.85
C ILE A 28 8.94 -14.24 -7.27
N GLN A 29 8.50 -13.50 -8.28
CA GLN A 29 9.18 -12.27 -8.68
C GLN A 29 8.25 -11.08 -8.53
N CYS A 30 8.76 -10.03 -7.91
CA CYS A 30 8.06 -8.75 -7.90
C CYS A 30 8.88 -7.70 -8.65
N LYS A 31 8.22 -6.95 -9.51
CA LYS A 31 8.86 -5.82 -10.19
C LYS A 31 7.97 -4.61 -10.03
N SER A 32 8.52 -3.53 -9.48
CA SER A 32 7.73 -2.30 -9.36
C SER A 32 7.50 -1.72 -10.75
N LEU A 33 6.40 -1.00 -10.92
CA LEU A 33 6.29 -0.13 -12.07
C LEU A 33 7.26 1.04 -11.85
N PRO A 34 7.61 1.79 -12.90
CA PRO A 34 8.63 2.83 -12.72
C PRO A 34 8.26 3.89 -11.70
N SER A 35 9.24 4.33 -10.92
CA SER A 35 9.02 5.37 -9.91
C SER A 35 10.19 6.33 -9.91
N ASN A 36 10.01 7.49 -9.29
CA ASN A 36 11.14 8.38 -9.04
C ASN A 36 10.94 9.12 -7.73
N PRO A 37 11.88 8.96 -6.78
CA PRO A 37 13.10 8.15 -6.88
C PRO A 37 12.83 6.65 -6.83
N ALA A 38 13.89 5.85 -6.78
CA ALA A 38 13.73 4.39 -6.75
C ALA A 38 12.95 3.94 -5.53
N SER A 39 12.20 2.86 -5.70
CA SER A 39 11.37 2.30 -4.65
C SER A 39 12.04 1.14 -3.95
N GLN A 40 11.67 0.95 -2.68
CA GLN A 40 12.10 -0.20 -1.91
CA GLN A 40 12.10 -0.20 -1.91
C GLN A 40 11.02 -1.29 -1.95
N ILE A 41 11.43 -2.51 -2.26
CA ILE A 41 10.53 -3.64 -2.29
C ILE A 41 10.45 -4.26 -0.90
N THR A 42 9.24 -4.44 -0.40
CA THR A 42 9.06 -5.16 0.85
C THR A 42 8.13 -6.35 0.61
N TRP A 43 8.41 -7.44 1.29
CA TRP A 43 7.64 -8.66 1.13
C TRP A 43 6.82 -8.93 2.39
N ILE A 44 5.59 -9.38 2.20
CA ILE A 44 4.72 -9.69 3.31
C ILE A 44 4.13 -11.08 3.12
N ILE A 45 4.36 -11.96 4.09
CA ILE A 45 3.87 -13.34 4.02
C ILE A 45 2.78 -13.55 5.05
N ASN A 46 1.58 -13.92 4.61
CA ASN A 46 0.44 -14.07 5.50
C ASN A 46 0.29 -12.92 6.50
N GLY A 47 0.46 -11.70 6.02
CA GLY A 47 0.19 -10.51 6.82
C GLY A 47 1.34 -9.92 7.59
N ARG A 48 2.49 -10.58 7.59
CA ARG A 48 3.66 -10.09 8.32
CA ARG A 48 3.64 -10.08 8.32
C ARG A 48 4.84 -9.88 7.41
N SER A 49 5.59 -8.81 7.65
CA SER A 49 6.77 -8.51 6.84
C SER A 49 7.89 -9.52 7.07
N VAL A 50 8.63 -9.78 6.00
CA VAL A 50 9.80 -10.64 6.01
C VAL A 50 10.90 -9.85 5.30
N PRO A 51 12.17 -10.24 5.47
CA PRO A 51 13.28 -9.50 4.85
C PRO A 51 13.22 -9.49 3.32
N THR A 52 13.77 -8.44 2.74
CA THR A 52 14.11 -8.43 1.32
C THR A 52 15.61 -8.64 1.21
N PRO A 53 16.03 -9.84 0.79
CA PRO A 53 17.47 -10.14 0.78
C PRO A 53 18.22 -9.24 -0.19
N THR A 54 17.65 -9.09 -1.39
CA THR A 54 18.26 -8.31 -2.45
C THR A 54 17.18 -7.63 -3.25
N GLN A 55 17.51 -6.49 -3.84
CA GLN A 55 16.65 -5.96 -4.89
C GLN A 55 17.54 -5.39 -5.98
N ARG A 56 17.03 -5.43 -7.20
CA ARG A 56 17.80 -5.02 -8.35
C ARG A 56 17.08 -3.89 -9.06
N GLU A 57 17.82 -2.85 -9.38
CA GLU A 57 17.20 -1.64 -9.92
C GLU A 57 17.64 -1.41 -11.36
N PHE A 58 16.68 -0.97 -12.17
CA PHE A 58 16.85 -0.72 -13.61
C PHE A 58 16.36 0.67 -13.93
N VAL A 59 17.03 1.39 -14.83
CA VAL A 59 16.45 2.68 -15.24
C VAL A 59 15.67 2.51 -16.54
N VAL A 60 14.53 3.17 -16.61
CA VAL A 60 13.72 3.27 -17.82
C VAL A 60 13.51 4.75 -18.15
N GLU A 61 12.71 5.05 -19.17
CA GLU A 61 12.51 6.45 -19.57
C GLU A 61 11.94 7.30 -18.44
N ASN A 62 10.97 6.75 -17.72
CA ASN A 62 10.21 7.49 -16.73
C ASN A 62 10.96 7.65 -15.42
N GLY A 63 11.61 6.58 -15.00
CA GLY A 63 12.21 6.53 -13.69
C GLY A 63 12.89 5.19 -13.54
N ILE A 64 12.66 4.56 -12.38
CA ILE A 64 13.43 3.40 -11.97
C ILE A 64 12.51 2.24 -11.60
N VAL A 65 12.86 1.04 -12.06
CA VAL A 65 12.13 -0.16 -11.70
C VAL A 65 12.93 -0.94 -10.68
N SER A 66 12.28 -1.35 -9.59
CA SER A 66 12.94 -2.18 -8.59
C SER A 66 12.39 -3.58 -8.68
N SER A 67 13.27 -4.56 -8.60
CA SER A 67 12.88 -5.95 -8.81
C SER A 67 13.43 -6.83 -7.71
N SER A 68 12.65 -7.80 -7.27
CA SER A 68 13.10 -8.74 -6.25
C SER A 68 12.51 -10.13 -6.52
N ASN A 69 13.38 -11.13 -6.45
CA ASN A 69 12.99 -12.54 -6.60
C ASN A 69 13.14 -13.23 -5.25
N VAL A 70 12.09 -13.92 -4.79
CA VAL A 70 12.25 -14.72 -3.57
C VAL A 70 11.69 -16.13 -3.80
N SER A 71 12.11 -17.06 -2.96
CA SER A 71 11.53 -18.40 -2.97
C SER A 71 10.73 -18.56 -1.69
N VAL A 72 9.45 -18.88 -1.83
CA VAL A 72 8.58 -19.01 -0.68
C VAL A 72 8.39 -20.49 -0.37
N HIS A 73 8.95 -20.92 0.76
CA HIS A 73 8.94 -22.32 1.14
C HIS A 73 7.65 -22.66 1.86
N SER A 74 7.02 -23.77 1.46
CA SER A 74 5.79 -24.22 2.10
C SER A 74 6.11 -25.23 3.18
N ASN A 75 5.68 -24.93 4.41
CA ASN A 75 5.89 -25.81 5.54
C ASN A 75 4.81 -25.53 6.59
N GLU A 76 4.88 -26.19 7.74
CA GLU A 76 3.77 -26.16 8.68
C GLU A 76 3.57 -24.80 9.36
N LEU A 77 4.55 -23.92 9.25
CA LEU A 77 4.44 -22.62 9.88
C LEU A 77 4.12 -21.52 8.85
N SER A 78 4.40 -21.78 7.58
CA SER A 78 4.21 -20.77 6.55
C SER A 78 2.87 -20.93 5.83
N VAL A 79 2.29 -22.11 5.94
CA VAL A 79 1.04 -22.43 5.25
C VAL A 79 -0.16 -22.23 6.17
N GLU A 80 -1.14 -21.46 5.72
CA GLU A 80 -2.35 -21.20 6.47
C GLU A 80 -3.55 -21.51 5.59
N ALA A 81 -4.42 -22.40 6.06
CA ALA A 81 -5.58 -22.84 5.28
C ALA A 81 -5.18 -23.28 3.88
N HIS A 82 -4.10 -24.06 3.81
CA HIS A 82 -3.62 -24.67 2.57
C HIS A 82 -3.23 -23.65 1.51
N GLN A 83 -2.87 -22.45 1.97
CA GLN A 83 -2.31 -21.49 1.04
C GLN A 83 -1.32 -20.56 1.74
N ILE A 84 -0.57 -19.84 0.91
CA ILE A 84 0.35 -18.84 1.38
C ILE A 84 -0.03 -17.55 0.67
N ASN A 85 -0.34 -16.52 1.44
CA ASN A 85 -0.65 -15.22 0.85
C ASN A 85 0.62 -14.41 0.77
N VAL A 86 1.05 -14.11 -0.45
CA VAL A 86 2.25 -13.30 -0.65
C VAL A 86 1.88 -11.91 -1.15
N GLU A 87 2.38 -10.89 -0.47
CA GLU A 87 2.16 -9.52 -0.92
CA GLU A 87 2.17 -9.52 -0.92
C GLU A 87 3.51 -8.86 -1.18
N CYS A 88 3.60 -8.11 -2.27
CA CYS A 88 4.77 -7.31 -2.57
C CYS A 88 4.37 -5.86 -2.52
N MET A 89 5.18 -5.04 -1.86
CA MET A 89 4.92 -3.61 -1.75
C MET A 89 6.13 -2.84 -2.25
N ALA A 90 5.88 -1.79 -3.03
CA ALA A 90 6.93 -0.92 -3.53
C ALA A 90 6.71 0.47 -2.96
N THR A 91 7.71 0.99 -2.27
CA THR A 91 7.58 2.24 -1.53
C THR A 91 8.69 3.22 -1.88
N ASN A 92 8.34 4.48 -2.16
CA ASN A 92 9.33 5.54 -2.23
C ASN A 92 8.78 6.74 -1.44
N PRO A 93 9.50 7.87 -1.39
CA PRO A 93 8.98 8.96 -0.54
C PRO A 93 7.62 9.52 -0.97
N GLU A 94 7.16 9.19 -2.17
CA GLU A 94 5.91 9.77 -2.67
C GLU A 94 4.69 8.88 -2.41
N GLY A 95 4.92 7.65 -1.96
CA GLY A 95 3.82 6.76 -1.64
C GLY A 95 4.17 5.31 -1.92
N SER A 96 3.17 4.43 -1.84
CA SER A 96 3.43 3.02 -2.10
C SER A 96 2.31 2.35 -2.88
N SER A 97 2.62 1.21 -3.49
CA SER A 97 1.60 0.39 -4.11
C SER A 97 1.94 -1.07 -3.88
N ALA A 98 0.94 -1.93 -4.05
CA ALA A 98 1.10 -3.33 -3.69
C ALA A 98 0.18 -4.24 -4.47
N LYS A 99 0.55 -5.52 -4.54
CA LYS A 99 -0.31 -6.56 -5.09
C LYS A 99 -0.15 -7.80 -4.23
N GLN A 100 -1.16 -8.66 -4.22
CA GLN A 100 -1.01 -9.94 -3.56
C GLN A 100 -1.05 -11.09 -4.57
N HIS A 101 -0.39 -12.18 -4.22
CA HIS A 101 -0.33 -13.39 -5.01
C HIS A 101 -0.59 -14.55 -4.07
N VAL A 102 -1.62 -15.36 -4.36
CA VAL A 102 -1.95 -16.48 -3.48
C VAL A 102 -1.35 -17.78 -4.03
N ILE A 103 -0.52 -18.43 -3.23
CA ILE A 103 0.00 -19.74 -3.59
C ILE A 103 -0.86 -20.82 -2.94
N LYS A 104 -1.50 -21.63 -3.78
CA LYS A 104 -2.28 -22.76 -3.28
C LYS A 104 -1.38 -23.97 -3.06
N ILE A 105 -1.55 -24.64 -1.93
CA ILE A 105 -0.80 -25.86 -1.67
C ILE A 105 -1.67 -27.06 -2.05
N ILE A 106 -1.25 -27.81 -3.07
CA ILE A 106 -2.10 -28.89 -3.57
C ILE A 106 -1.99 -30.15 -2.72
N ALA A 107 -3.05 -30.93 -2.71
CA ALA A 107 -3.09 -32.17 -1.93
C ALA A 107 -2.70 -33.36 -2.82
N VAL B 5 -8.60 -4.72 -19.03
CA VAL B 5 -9.22 -3.41 -18.85
C VAL B 5 -9.25 -3.03 -17.37
N ASN B 6 -9.02 -4.02 -16.51
CA ASN B 6 -8.94 -3.79 -15.06
C ASN B 6 -7.55 -3.33 -14.64
N TYR B 7 -7.48 -2.38 -13.71
CA TYR B 7 -6.20 -1.87 -13.23
C TYR B 7 -6.36 -1.17 -11.89
N PRO B 8 -5.32 -1.20 -11.05
CA PRO B 8 -5.40 -0.58 -9.72
C PRO B 8 -5.21 0.94 -9.77
N PRO B 9 -5.64 1.66 -8.72
CA PRO B 9 -5.35 3.09 -8.60
C PRO B 9 -3.85 3.36 -8.51
N ALA B 10 -3.32 4.25 -9.34
CA ALA B 10 -1.87 4.46 -9.43
C ALA B 10 -1.29 5.13 -8.19
N SER B 11 -2.13 5.90 -7.49
CA SER B 11 -1.75 6.51 -6.22
C SER B 11 -3.01 7.07 -5.60
N VAL B 12 -2.84 7.90 -4.56
CA VAL B 12 -3.93 8.66 -3.96
C VAL B 12 -3.40 10.05 -3.66
N GLU B 13 -4.29 11.00 -3.42
CA GLU B 13 -3.91 12.35 -3.01
C GLU B 13 -4.61 12.74 -1.72
N LEU B 14 -3.87 13.32 -0.78
CA LEU B 14 -4.45 13.76 0.50
C LEU B 14 -4.50 15.28 0.60
N PHE B 15 -5.52 15.78 1.26
CA PHE B 15 -5.73 17.21 1.41
C PHE B 15 -6.12 17.54 2.85
N GLY B 16 -5.58 18.63 3.38
CA GLY B 16 -5.89 19.04 4.73
C GLY B 16 -4.79 19.85 5.38
N GLU B 17 -5.05 20.24 6.62
CA GLU B 17 -4.12 21.08 7.38
C GLU B 17 -2.85 20.32 7.74
N SER B 18 -1.73 21.01 7.68
CA SER B 18 -0.44 20.42 8.02
C SER B 18 -0.02 20.78 9.45
N ASN B 19 -0.68 21.78 10.02
CA ASN B 19 -0.47 22.16 11.42
C ASN B 19 -1.81 22.34 12.10
N ILE B 20 -2.01 21.70 13.24
CA ILE B 20 -3.21 21.99 14.04
C ILE B 20 -2.87 22.26 15.50
N ARG B 21 -3.69 23.07 16.14
CA ARG B 21 -3.53 23.36 17.55
C ARG B 21 -3.99 22.16 18.37
N TYR B 22 -3.24 21.84 19.42
CA TYR B 22 -3.61 20.73 20.29
C TYR B 22 -4.99 20.96 20.92
N GLY B 23 -5.86 19.96 20.80
CA GLY B 23 -7.21 20.07 21.31
C GLY B 23 -8.21 20.30 20.18
N SER B 24 -7.70 20.62 18.99
N SER B 24 -7.69 20.63 18.99
CA SER B 24 -8.58 20.89 17.85
CA SER B 24 -8.55 20.91 17.84
C SER B 24 -8.63 19.70 16.91
C SER B 24 -8.63 19.71 16.91
N SER B 25 -9.56 19.73 15.97
CA SER B 25 -9.70 18.62 15.03
C SER B 25 -9.33 19.10 13.65
N ALA B 26 -8.92 18.15 12.81
CA ALA B 26 -8.62 18.44 11.41
C ALA B 26 -9.37 17.46 10.53
N ASN B 27 -9.87 17.96 9.41
CA ASN B 27 -10.55 17.09 8.46
C ASN B 27 -9.63 16.82 7.29
N ILE B 28 -9.33 15.55 7.07
CA ILE B 28 -8.41 15.14 6.01
C ILE B 28 -9.17 14.44 4.89
N GLN B 29 -8.94 14.90 3.66
CA GLN B 29 -9.60 14.30 2.50
C GLN B 29 -8.62 13.44 1.72
N CYS B 30 -9.12 12.36 1.14
CA CYS B 30 -8.34 11.53 0.24
C CYS B 30 -9.09 11.25 -1.05
N LYS B 31 -8.42 11.39 -2.18
CA LYS B 31 -9.02 10.98 -3.45
C LYS B 31 -8.06 10.04 -4.18
N SER B 32 -8.58 8.95 -4.71
CA SER B 32 -7.74 8.02 -5.43
C SER B 32 -7.56 8.49 -6.87
N LEU B 33 -6.45 8.10 -7.49
CA LEU B 33 -6.33 8.23 -8.93
C LEU B 33 -7.27 7.19 -9.56
N PRO B 34 -7.65 7.36 -10.84
CA PRO B 34 -8.64 6.48 -11.47
C PRO B 34 -8.29 4.99 -11.42
N SER B 35 -9.27 4.14 -11.19
CA SER B 35 -9.10 2.69 -11.27
C SER B 35 -10.27 2.03 -11.97
N ASN B 36 -10.10 0.76 -12.32
CA ASN B 36 -11.21 -0.04 -12.82
C ASN B 36 -11.07 -1.49 -12.36
N PRO B 37 -12.02 -1.98 -11.56
CA PRO B 37 -13.21 -1.28 -11.07
C PRO B 37 -12.90 -0.23 -10.01
N ALA B 38 -13.94 0.38 -9.45
CA ALA B 38 -13.77 1.42 -8.45
C ALA B 38 -13.04 0.88 -7.23
N SER B 39 -12.24 1.75 -6.60
CA SER B 39 -11.46 1.33 -5.44
C SER B 39 -12.14 1.72 -4.14
N GLN B 40 -11.87 0.94 -3.11
CA GLN B 40 -12.33 1.26 -1.76
C GLN B 40 -11.25 2.02 -1.00
N ILE B 41 -11.61 3.19 -0.47
CA ILE B 41 -10.71 3.97 0.37
C ILE B 41 -10.76 3.54 1.83
N THR B 42 -9.60 3.28 2.42
CA THR B 42 -9.53 3.01 3.86
C THR B 42 -8.44 3.85 4.52
N TRP B 43 -8.53 3.97 5.85
CA TRP B 43 -7.70 4.90 6.59
C TRP B 43 -6.96 4.27 7.75
N ILE B 44 -5.72 4.70 7.96
CA ILE B 44 -4.96 4.35 9.16
C ILE B 44 -4.41 5.61 9.80
N ILE B 45 -4.67 5.77 11.10
CA ILE B 45 -4.20 6.94 11.84
C ILE B 45 -3.24 6.53 12.95
N ASN B 46 -2.02 7.06 12.91
CA ASN B 46 -0.98 6.73 13.88
C ASN B 46 -0.75 5.23 14.00
N GLY B 47 -0.66 4.55 12.86
CA GLY B 47 -0.38 3.14 12.81
C GLY B 47 -1.59 2.28 13.17
N ARG B 48 -2.71 2.94 13.46
CA ARG B 48 -3.91 2.25 13.89
C ARG B 48 -5.06 2.46 12.90
N SER B 49 -5.71 1.38 12.50
CA SER B 49 -6.82 1.45 11.56
C SER B 49 -8.02 2.12 12.20
N VAL B 50 -8.73 2.95 11.44
CA VAL B 50 -9.95 3.59 11.92
C VAL B 50 -11.14 3.10 11.09
N PRO B 51 -12.35 3.18 11.64
CA PRO B 51 -13.52 2.69 10.89
C PRO B 51 -13.72 3.42 9.57
N THR B 52 -13.97 2.64 8.52
CA THR B 52 -14.05 3.18 7.16
C THR B 52 -15.29 4.04 6.97
N PRO B 53 -15.09 5.31 6.62
CA PRO B 53 -16.21 6.21 6.33
C PRO B 53 -16.85 5.90 4.98
N THR B 54 -18.04 6.42 4.73
CA THR B 54 -18.67 6.29 3.43
C THR B 54 -17.85 7.04 2.38
N GLN B 55 -18.04 6.70 1.11
CA GLN B 55 -17.25 7.33 0.07
C GLN B 55 -18.05 7.71 -1.17
N ARG B 56 -17.54 8.70 -1.89
CA ARG B 56 -18.15 9.15 -3.13
C ARG B 56 -17.25 8.75 -4.28
N GLU B 57 -17.86 8.48 -5.43
CA GLU B 57 -17.13 8.05 -6.61
C GLU B 57 -17.48 8.94 -7.79
N PHE B 58 -16.49 9.22 -8.61
CA PHE B 58 -16.66 10.09 -9.77
C PHE B 58 -16.05 9.43 -11.00
N VAL B 59 -16.67 9.63 -12.16
CA VAL B 59 -16.14 9.01 -13.37
C VAL B 59 -15.20 9.94 -14.14
N VAL B 60 -14.08 9.40 -14.59
CA VAL B 60 -13.21 10.06 -15.55
C VAL B 60 -13.01 9.08 -16.70
N GLU B 61 -12.24 9.49 -17.72
CA GLU B 61 -12.00 8.61 -18.87
C GLU B 61 -11.43 7.24 -18.47
N ASN B 62 -12.21 6.20 -18.77
CA ASN B 62 -11.85 4.81 -18.49
C ASN B 62 -11.41 4.53 -17.07
N GLY B 63 -12.09 5.11 -16.09
CA GLY B 63 -11.73 4.87 -14.71
C GLY B 63 -12.61 5.63 -13.74
N ILE B 64 -12.59 5.16 -12.50
CA ILE B 64 -13.39 5.74 -11.44
C ILE B 64 -12.48 6.25 -10.32
N VAL B 65 -12.78 7.47 -9.86
CA VAL B 65 -12.07 8.06 -8.74
C VAL B 65 -12.91 7.92 -7.49
N SER B 66 -12.29 7.55 -6.37
CA SER B 66 -13.03 7.47 -5.12
C SER B 66 -12.55 8.54 -4.17
N SER B 67 -13.47 9.01 -3.33
CA SER B 67 -13.18 10.14 -2.46
C SER B 67 -13.77 9.91 -1.08
N SER B 68 -13.00 10.19 -0.05
CA SER B 68 -13.42 9.93 1.32
C SER B 68 -12.80 10.96 2.26
N ASN B 69 -13.44 11.29 3.39
CA ASN B 69 -12.69 12.02 4.40
C ASN B 69 -12.90 11.51 5.82
N VAL B 70 -11.93 11.85 6.67
CA VAL B 70 -11.86 11.39 8.03
C VAL B 70 -11.57 12.56 8.96
N SER B 71 -12.07 12.49 10.18
CA SER B 71 -11.79 13.51 11.17
C SER B 71 -10.64 13.04 12.06
N VAL B 72 -9.62 13.86 12.18
CA VAL B 72 -8.50 13.52 13.07
C VAL B 72 -8.65 14.31 14.36
N HIS B 73 -8.82 13.62 15.49
CA HIS B 73 -9.05 14.27 16.77
C HIS B 73 -7.79 14.30 17.65
N SER B 74 -7.17 15.47 17.78
CA SER B 74 -5.94 15.62 18.53
C SER B 74 -6.16 15.51 20.04
N ASN B 75 -7.41 15.72 20.48
CA ASN B 75 -7.74 15.65 21.90
C ASN B 75 -7.70 14.22 22.43
N GLU B 76 -7.61 13.26 21.51
CA GLU B 76 -7.50 11.86 21.86
C GLU B 76 -6.04 11.43 22.00
N LEU B 77 -5.13 12.38 21.81
CA LEU B 77 -3.70 12.09 21.87
C LEU B 77 -3.02 12.86 23.00
N SER B 78 -1.80 12.47 23.31
CA SER B 78 -1.01 13.14 24.35
C SER B 78 -0.56 14.52 23.88
N VAL B 79 -0.33 15.43 24.81
CA VAL B 79 0.11 16.78 24.47
C VAL B 79 1.60 16.79 24.10
N GLU B 80 2.31 15.75 24.51
CA GLU B 80 3.74 15.64 24.18
C GLU B 80 3.93 15.10 22.77
N ALA B 81 2.83 14.65 22.16
CA ALA B 81 2.85 14.11 20.81
C ALA B 81 3.27 15.17 19.80
N HIS B 82 4.31 14.84 19.05
CA HIS B 82 4.89 15.73 18.06
C HIS B 82 4.01 15.88 16.82
N GLN B 83 3.49 14.75 16.34
CA GLN B 83 2.76 14.75 15.09
C GLN B 83 1.74 13.61 15.00
N ILE B 84 0.91 13.68 13.97
CA ILE B 84 -0.07 12.64 13.67
C ILE B 84 0.12 12.12 12.25
N ASN B 85 0.31 10.82 12.11
CA ASN B 85 0.53 10.20 10.81
C ASN B 85 -0.76 9.61 10.22
N VAL B 86 -1.23 10.21 9.13
CA VAL B 86 -2.46 9.77 8.50
C VAL B 86 -2.18 9.07 7.17
N GLU B 87 -2.66 7.84 7.01
CA GLU B 87 -2.47 7.10 5.76
C GLU B 87 -3.79 6.76 5.10
N CYS B 88 -3.91 7.14 3.83
CA CYS B 88 -5.03 6.75 2.99
C CYS B 88 -4.61 5.64 2.04
N MET B 89 -5.46 4.62 1.89
CA MET B 89 -5.21 3.52 0.97
C MET B 89 -6.41 3.30 0.05
N ALA B 90 -6.14 3.04 -1.23
CA ALA B 90 -7.19 2.72 -2.19
C ALA B 90 -6.95 1.32 -2.72
N THR B 91 -7.98 0.48 -2.66
CA THR B 91 -7.84 -0.93 -3.01
C THR B 91 -8.92 -1.39 -3.97
N ASN B 92 -8.52 -2.10 -5.03
CA ASN B 92 -9.49 -2.84 -5.84
C ASN B 92 -8.93 -4.25 -6.12
N PRO B 93 -9.65 -5.11 -6.87
CA PRO B 93 -9.13 -6.48 -6.99
C PRO B 93 -7.75 -6.59 -7.66
N GLU B 94 -7.29 -5.53 -8.30
CA GLU B 94 -6.02 -5.58 -9.02
C GLU B 94 -4.82 -5.15 -8.18
N GLY B 95 -5.07 -4.54 -7.02
CA GLY B 95 -3.99 -4.10 -6.16
C GLY B 95 -4.39 -2.90 -5.34
N SER B 96 -3.42 -2.32 -4.63
CA SER B 96 -3.71 -1.16 -3.79
C SER B 96 -2.59 -0.13 -3.86
N SER B 97 -2.92 1.13 -3.60
CA SER B 97 -1.89 2.16 -3.42
C SER B 97 -2.20 3.01 -2.19
N ALA B 98 -1.19 3.67 -1.66
CA ALA B 98 -1.32 4.42 -0.42
C ALA B 98 -0.37 5.61 -0.35
N LYS B 99 -0.67 6.53 0.57
CA LYS B 99 0.16 7.70 0.80
C LYS B 99 -0.08 8.24 2.21
N GLN B 100 0.93 8.87 2.79
CA GLN B 100 0.83 9.43 4.13
C GLN B 100 0.76 10.96 4.16
N HIS B 101 0.07 11.48 5.17
CA HIS B 101 -0.02 12.92 5.41
C HIS B 101 0.31 13.18 6.86
N VAL B 102 1.34 13.98 7.12
CA VAL B 102 1.76 14.27 8.49
C VAL B 102 1.18 15.58 8.98
N ILE B 103 0.51 15.54 10.13
CA ILE B 103 0.03 16.74 10.78
C ILE B 103 0.92 17.05 11.97
N LYS B 104 1.51 18.24 12.00
CA LYS B 104 2.31 18.67 13.14
C LYS B 104 1.43 19.34 14.19
N ILE B 105 1.70 19.07 15.45
CA ILE B 105 0.88 19.56 16.56
C ILE B 105 1.46 20.80 17.22
N ILE B 106 0.69 21.87 17.22
CA ILE B 106 1.09 23.12 17.85
C ILE B 106 0.81 23.07 19.35
N ALA B 107 1.88 23.10 20.14
CA ALA B 107 1.77 23.04 21.59
C ALA B 107 1.30 24.37 22.19
N PRO B 108 0.50 24.31 23.26
CA PRO B 108 0.01 25.51 23.95
C PRO B 108 1.12 26.26 24.68
#